data_8WRR
#
_entry.id   8WRR
#
_cell.length_a   1.00
_cell.length_b   1.00
_cell.length_c   1.00
_cell.angle_alpha   90.00
_cell.angle_beta   90.00
_cell.angle_gamma   90.00
#
_symmetry.space_group_name_H-M   'P 1'
#
loop_
_entity.id
_entity.type
_entity.pdbx_description
1 polymer 'Cryo-EM structure of Cas12-1 with 5 nt complementary heteroduplex'
2 polymer 'RNA (39-MER)'
3 polymer TS
4 polymer NTS
#
loop_
_entity_poly.entity_id
_entity_poly.type
_entity_poly.pdbx_seq_one_letter_code
_entity_poly.pdbx_strand_id
1 'polypeptide(L)'
;MTPKTETPVGALIKKFFPGKRFQKNYLKDAGKKLKREGEAAAVEYLSGKQEDHPANFCPPAKVNILAQSRPLSEWPINLV
SKGVQEYVYGLTAAEREANGDFGTSRKSLDRWFARTGVPTHGYTTVQGLNLILRHTFNRYDGVIKKVETRNEKRRSKATR
INVSREADGLPPIEAEPEETAFGPDGKLKERPGINPSIYCYQQVSPVPYNPAKHPALPFSGVDPGAPLPLGTPNRLSIPK
GQPGYVPEWQRPHLSTKNKRIRKWYARANWRRKPGRKSVLDEAKLKEAALKEAIPIIVTIGKDWIVMDARGLLRAVYWRG
IAKPGLSLKELLGFFSGDPVLDPKRGIATFTFKLGAVAVHSRKPTRGKKSKELLLSMTAEKPHVGLVAIDLGQTNPVAAE
FSRVKREGETLQAEPLGQIVLPDDLVKDLTRYRRAWDATEEQIKAEAIVQLPEECRAEVVKVNQMSAEETKHLILDRGVS
GDLPWEKMTSNTTFISDHLLAKGVTDQVFFEKKSKGKKKGTETVKRKDYGWVKLLRPRLSQETRKAVNDKTWELKRASTE
YVRLSRRKTELARRCVNYIVRETKRWTQCEDIAIVIEDLNVRFFHGSGERPDGWDNFFISKRENRWFIQVLHKAFSDLAL
HRGLPVIEANPARTSITCIRCGHCDRNNRHGEMFLCLSCNDLRHADREIATRNLTRVAVTGEMIPRRIEPGEQSGDTKKA
RSARKGKKAVISKREAA
;
A
2 'polyribonucleotide' CCGUCAACGUUCAACGCUUGCUCGGUUCGCCGAGACUCCCCUACGUGCUGCUGAAG B
3 'polydeoxyribonucleotide'
;(DC)(DT)(DG)(DC)(DC)(DC)(DT)(DT)(DG)(DC)(DA)(DA)(DG)(DA)(DA)(DG)(DT)(DC)(DG)(DT)
(DC)(DG)(DA)(DC)(DG)(DT)(DA)(DG)(DG)(DG)(DG)(DA)(DG)(DA)(DA)(DT)(DT)(DG)(DG)(DC)
(DC)(DA)
;
C
4 'polydeoxyribonucleotide'
;(DT)(DG)(DG)(DC)(DC)(DA)(DA)(DT)(DT)(DC)(DT)(DC)(DC)(DC)(DC)(DT)(DA)(DC)(DG)(DT)
(DC)(DG)(DA)(DC)(DG)(DA)(DC)(DT)(DT)(DC)(DT)(DT)(DG)(DC)(DA)(DA)(DG)(DG)(DG)(DC)
(DA)(DG)
;
D
#
# COMPACT_ATOMS: atom_id res chain seq x y z
N PRO A 54 7.94 23.74 3.53
CA PRO A 54 6.54 23.85 3.11
C PRO A 54 5.80 22.51 3.24
N ALA A 55 4.86 22.43 4.18
CA ALA A 55 4.14 21.18 4.41
C ALA A 55 3.24 20.88 3.22
N ASN A 56 3.35 19.65 2.70
CA ASN A 56 2.56 19.25 1.55
C ASN A 56 2.07 17.80 1.68
N PHE A 57 1.83 17.34 2.91
CA PHE A 57 1.30 16.00 3.13
C PHE A 57 0.00 16.08 3.92
N CYS A 58 -0.99 15.31 3.48
CA CYS A 58 -2.32 15.30 4.08
C CYS A 58 -2.72 13.85 4.34
N PRO A 59 -2.28 13.27 5.45
CA PRO A 59 -2.60 11.88 5.75
C PRO A 59 -4.09 11.72 6.05
N PRO A 60 -4.64 10.54 5.81
CA PRO A 60 -6.08 10.34 6.00
C PRO A 60 -6.45 10.17 7.46
N ALA A 61 -7.76 10.19 7.71
CA ALA A 61 -8.32 9.92 9.03
C ALA A 61 -9.73 9.37 8.82
N LYS A 62 -9.87 8.06 8.94
CA LYS A 62 -11.12 7.37 8.62
C LYS A 62 -12.07 7.39 9.79
N VAL A 63 -13.36 7.59 9.50
CA VAL A 63 -14.42 7.60 10.49
C VAL A 63 -15.55 6.70 10.03
N ASN A 64 -16.34 6.24 10.98
CA ASN A 64 -17.43 5.31 10.72
C ASN A 64 -18.75 6.04 10.60
N ILE A 65 -19.68 5.45 9.86
CA ILE A 65 -21.00 6.02 9.63
C ILE A 65 -21.98 5.38 10.60
N LEU A 66 -22.71 6.22 11.33
CA LEU A 66 -23.63 5.75 12.36
C LEU A 66 -25.06 5.61 11.86
N ALA A 67 -25.58 6.61 11.16
CA ALA A 67 -26.95 6.56 10.66
C ALA A 67 -27.02 7.20 9.28
N GLN A 68 -27.96 6.72 8.47
CA GLN A 68 -28.20 7.22 7.13
C GLN A 68 -29.69 7.44 6.95
N SER A 69 -30.07 7.88 5.75
CA SER A 69 -31.46 7.95 5.33
C SER A 69 -31.82 6.79 4.39
N ARG A 70 -31.05 6.62 3.33
CA ARG A 70 -31.12 5.47 2.44
C ARG A 70 -29.71 5.15 2.00
N PRO A 71 -29.46 3.92 1.54
CA PRO A 71 -28.10 3.56 1.13
C PRO A 71 -27.55 4.50 0.07
N LEU A 72 -26.24 4.76 0.17
CA LEU A 72 -25.59 5.73 -0.69
C LEU A 72 -25.65 5.34 -2.17
N SER A 73 -25.86 4.06 -2.47
CA SER A 73 -26.01 3.65 -3.86
C SER A 73 -27.27 4.20 -4.49
N GLU A 74 -28.27 4.56 -3.69
CA GLU A 74 -29.51 5.12 -4.19
C GLU A 74 -29.50 6.64 -4.26
N TRP A 75 -28.46 7.28 -3.76
CA TRP A 75 -28.41 8.73 -3.78
C TRP A 75 -28.29 9.23 -5.21
N PRO A 76 -28.91 10.37 -5.54
CA PRO A 76 -28.81 10.89 -6.91
C PRO A 76 -27.39 11.19 -7.35
N ILE A 77 -26.51 11.59 -6.43
CA ILE A 77 -25.13 11.88 -6.81
C ILE A 77 -24.42 10.63 -7.31
N ASN A 78 -24.63 9.50 -6.63
CA ASN A 78 -24.04 8.24 -7.07
C ASN A 78 -24.57 7.84 -8.44
N LEU A 79 -25.87 8.00 -8.66
CA LEU A 79 -26.46 7.63 -9.94
C LEU A 79 -25.91 8.50 -11.07
N VAL A 80 -25.78 9.81 -10.83
CA VAL A 80 -25.23 10.70 -11.85
C VAL A 80 -23.77 10.33 -12.15
N SER A 81 -22.99 10.06 -11.10
CA SER A 81 -21.60 9.66 -11.32
C SER A 81 -21.52 8.38 -12.14
N LYS A 82 -22.36 7.39 -11.80
CA LYS A 82 -22.37 6.12 -12.54
C LYS A 82 -22.71 6.34 -14.00
N GLY A 83 -23.75 7.14 -14.28
CA GLY A 83 -24.15 7.38 -15.65
C GLY A 83 -23.08 8.12 -16.44
N VAL A 84 -22.49 9.16 -15.85
CA VAL A 84 -21.47 9.92 -16.54
C VAL A 84 -20.25 9.04 -16.84
N GLN A 85 -19.84 8.22 -15.87
CA GLN A 85 -18.72 7.33 -16.08
C GLN A 85 -19.01 6.33 -17.18
N GLU A 86 -20.22 5.74 -17.17
CA GLU A 86 -20.59 4.77 -18.19
C GLU A 86 -20.56 5.39 -19.57
N TYR A 87 -21.06 6.61 -19.70
CA TYR A 87 -21.07 7.27 -21.00
C TYR A 87 -19.65 7.62 -21.47
N VAL A 88 -18.84 8.16 -20.57
CA VAL A 88 -17.55 8.72 -21.00
C VAL A 88 -16.51 7.63 -21.23
N TYR A 89 -16.59 6.50 -20.51
CA TYR A 89 -15.58 5.48 -20.74
C TYR A 89 -15.81 4.71 -22.03
N GLY A 90 -16.97 4.84 -22.65
CA GLY A 90 -17.31 4.02 -23.79
C GLY A 90 -17.60 4.72 -25.10
N LEU A 91 -16.83 5.76 -25.45
CA LEU A 91 -17.01 6.42 -26.73
C LEU A 91 -15.65 6.68 -27.37
N THR A 92 -15.66 6.78 -28.70
CA THR A 92 -14.44 6.83 -29.48
C THR A 92 -13.69 8.14 -29.26
N ALA A 93 -12.48 8.20 -29.83
CA ALA A 93 -11.64 9.40 -29.68
C ALA A 93 -12.29 10.61 -30.36
N ALA A 94 -12.84 10.43 -31.55
CA ALA A 94 -13.51 11.54 -32.22
C ALA A 94 -14.72 11.99 -31.44
N GLU A 95 -15.50 11.05 -30.92
CA GLU A 95 -16.66 11.42 -30.10
C GLU A 95 -16.22 12.11 -28.81
N ARG A 96 -15.13 11.64 -28.20
CA ARG A 96 -14.64 12.29 -26.99
C ARG A 96 -14.20 13.72 -27.27
N GLU A 97 -13.52 13.93 -28.40
CA GLU A 97 -13.15 15.29 -28.78
C GLU A 97 -14.39 16.14 -29.01
N ALA A 98 -15.42 15.58 -29.65
CA ALA A 98 -16.66 16.31 -29.83
C ALA A 98 -17.40 16.50 -28.51
N ASN A 99 -17.49 15.44 -27.71
CA ASN A 99 -18.19 15.50 -26.43
C ASN A 99 -17.25 15.95 -25.31
N GLY A 100 -16.58 17.08 -25.51
CA GLY A 100 -15.64 17.58 -24.53
C GLY A 100 -15.87 19.03 -24.15
N ASP A 101 -17.08 19.52 -24.41
CA ASP A 101 -17.45 20.90 -24.10
C ASP A 101 -18.28 20.98 -22.82
N PHE A 102 -18.01 20.09 -21.85
CA PHE A 102 -18.77 20.09 -20.62
C PHE A 102 -18.53 21.33 -19.78
N GLY A 103 -17.34 21.94 -19.88
CA GLY A 103 -17.11 23.22 -19.24
C GLY A 103 -17.12 23.14 -17.71
N THR A 104 -17.27 24.32 -17.10
CA THR A 104 -17.30 24.46 -15.66
C THR A 104 -18.40 25.40 -15.19
N SER A 105 -19.45 25.58 -15.98
CA SER A 105 -20.50 26.52 -15.67
C SER A 105 -21.86 25.87 -15.86
N ARG A 106 -22.87 26.48 -15.25
CA ARG A 106 -24.24 25.98 -15.38
C ARG A 106 -24.69 25.99 -16.83
N LYS A 107 -24.40 27.07 -17.55
CA LYS A 107 -24.78 27.22 -18.95
C LYS A 107 -24.08 26.21 -19.85
N SER A 108 -22.95 25.65 -19.43
CA SER A 108 -22.28 24.59 -20.16
C SER A 108 -22.70 23.20 -19.69
N LEU A 109 -22.88 23.03 -18.38
CA LEU A 109 -23.31 21.74 -17.84
C LEU A 109 -24.68 21.35 -18.35
N ASP A 110 -25.62 22.30 -18.38
CA ASP A 110 -26.97 21.98 -18.83
C ASP A 110 -26.99 21.59 -20.30
N ARG A 111 -26.23 22.28 -21.14
CA ARG A 111 -26.21 21.93 -22.56
C ARG A 111 -25.48 20.62 -22.80
N TRP A 112 -24.43 20.33 -22.03
CA TRP A 112 -23.76 19.04 -22.16
C TRP A 112 -24.71 17.90 -21.77
N PHE A 113 -25.44 18.07 -20.66
CA PHE A 113 -26.38 17.04 -20.24
C PHE A 113 -27.62 16.98 -21.10
N ALA A 114 -27.89 18.02 -21.88
CA ALA A 114 -29.03 18.00 -22.80
C ALA A 114 -28.70 17.34 -24.12
N ARG A 115 -27.61 17.74 -24.78
CA ARG A 115 -27.33 17.18 -26.10
C ARG A 115 -26.80 15.76 -26.02
N THR A 116 -26.13 15.40 -24.92
CA THR A 116 -25.68 14.02 -24.76
C THR A 116 -26.83 13.09 -24.44
N GLY A 117 -27.72 13.51 -23.54
CA GLY A 117 -28.82 12.68 -23.11
C GLY A 117 -28.58 11.91 -21.82
N VAL A 118 -27.44 12.12 -21.16
CA VAL A 118 -27.19 11.43 -19.89
C VAL A 118 -28.19 11.90 -18.85
N PRO A 119 -28.90 11.01 -18.16
CA PRO A 119 -29.91 11.44 -17.19
C PRO A 119 -29.26 12.15 -16.00
N THR A 120 -29.82 13.31 -15.65
CA THR A 120 -29.31 14.10 -14.54
C THR A 120 -29.87 13.69 -13.19
N HIS A 121 -30.89 12.83 -13.17
CA HIS A 121 -31.44 12.24 -11.96
C HIS A 121 -31.84 13.28 -10.91
N GLY A 122 -32.09 14.52 -11.33
CA GLY A 122 -32.44 15.57 -10.40
C GLY A 122 -31.27 16.22 -9.71
N TYR A 123 -30.04 15.90 -10.09
CA TYR A 123 -28.85 16.48 -9.49
C TYR A 123 -28.33 17.58 -10.40
N THR A 124 -28.28 18.81 -9.86
CA THR A 124 -27.91 19.97 -10.65
C THR A 124 -26.87 20.86 -9.98
N THR A 125 -26.23 20.40 -8.91
CA THR A 125 -25.23 21.20 -8.22
C THR A 125 -23.98 21.28 -9.06
N VAL A 126 -23.61 22.49 -9.48
CA VAL A 126 -22.47 22.67 -10.38
C VAL A 126 -21.18 22.21 -9.71
N GLN A 127 -20.99 22.59 -8.45
CA GLN A 127 -19.73 22.35 -7.77
C GLN A 127 -19.45 20.86 -7.56
N GLY A 128 -20.49 20.04 -7.44
CA GLY A 128 -20.30 18.61 -7.32
C GLY A 128 -20.24 17.91 -8.67
N LEU A 129 -20.89 18.47 -9.68
CA LEU A 129 -20.85 17.88 -11.01
C LEU A 129 -19.51 18.11 -11.69
N ASN A 130 -18.86 19.24 -11.40
CA ASN A 130 -17.56 19.52 -12.01
C ASN A 130 -16.53 18.46 -11.62
N LEU A 131 -16.52 18.08 -10.33
CA LEU A 131 -15.60 17.05 -9.87
C LEU A 131 -15.84 15.74 -10.61
N ILE A 132 -17.11 15.33 -10.72
CA ILE A 132 -17.43 14.07 -11.39
C ILE A 132 -16.94 14.09 -12.83
N LEU A 133 -17.28 15.16 -13.57
CA LEU A 133 -16.94 15.18 -14.99
C LEU A 133 -15.43 15.24 -15.20
N ARG A 134 -14.72 16.06 -14.40
CA ARG A 134 -13.28 16.13 -14.53
C ARG A 134 -12.63 14.78 -14.25
N HIS A 135 -13.09 14.10 -13.20
CA HIS A 135 -12.53 12.79 -12.88
C HIS A 135 -12.79 11.78 -13.97
N THR A 136 -14.00 11.76 -14.53
CA THR A 136 -14.31 10.81 -15.59
C THR A 136 -13.45 11.04 -16.82
N PHE A 137 -13.29 12.30 -17.23
CA PHE A 137 -12.50 12.56 -18.42
C PHE A 137 -11.02 12.29 -18.18
N ASN A 138 -10.53 12.55 -16.96
CA ASN A 138 -9.14 12.23 -16.66
C ASN A 138 -8.91 10.72 -16.64
N ARG A 139 -9.86 9.95 -16.11
CA ARG A 139 -9.73 8.50 -16.15
C ARG A 139 -9.81 7.97 -17.58
N TYR A 140 -10.58 8.63 -18.44
CA TYR A 140 -10.58 8.26 -19.86
C TYR A 140 -9.23 8.56 -20.51
N ASP A 141 -8.64 9.71 -20.18
CA ASP A 141 -7.40 10.13 -20.82
C ASP A 141 -6.16 9.65 -20.07
N GLY A 142 -6.34 8.77 -19.10
CA GLY A 142 -5.19 8.17 -18.44
C GLY A 142 -4.73 6.89 -19.11
N VAL A 143 -5.66 6.13 -19.68
CA VAL A 143 -5.29 4.92 -20.42
C VAL A 143 -4.45 5.29 -21.64
N ILE A 144 -4.84 6.37 -22.33
CA ILE A 144 -4.09 6.82 -23.50
C ILE A 144 -2.66 7.19 -23.13
N LYS A 145 -2.50 7.93 -22.03
CA LYS A 145 -1.15 8.34 -21.65
C LYS A 145 -0.35 7.17 -21.09
N LYS A 146 -1.02 6.18 -20.51
CA LYS A 146 -0.30 5.00 -20.02
C LYS A 146 0.31 4.31 -21.21
N VAL A 147 -0.49 4.07 -22.24
CA VAL A 147 0.01 3.45 -23.46
C VAL A 147 1.09 4.32 -24.10
N GLU A 148 0.88 5.63 -24.08
CA GLU A 148 1.85 6.54 -24.65
C GLU A 148 3.21 6.44 -23.98
N THR A 149 3.24 6.47 -22.66
CA THR A 149 4.50 6.34 -21.94
C THR A 149 5.18 5.05 -22.36
N ARG A 150 4.40 3.97 -22.45
CA ARG A 150 4.99 2.68 -22.79
C ARG A 150 5.58 2.69 -24.19
N ASN A 151 4.90 3.32 -25.13
CA ASN A 151 5.47 3.43 -26.47
C ASN A 151 6.75 4.28 -26.51
N GLU A 152 6.81 5.36 -25.72
CA GLU A 152 8.02 6.17 -25.66
C GLU A 152 9.18 5.33 -25.17
N LYS A 153 8.95 4.46 -24.20
CA LYS A 153 10.02 3.56 -23.76
C LYS A 153 10.62 2.89 -24.99
N ARG A 154 9.79 2.32 -25.84
CA ARG A 154 10.28 1.64 -27.04
C ARG A 154 10.84 2.60 -28.07
N ARG A 155 10.21 3.76 -28.22
CA ARG A 155 10.66 4.76 -29.19
C ARG A 155 12.05 5.22 -28.87
N SER A 156 12.31 5.51 -27.60
CA SER A 156 13.64 5.95 -27.19
C SER A 156 14.68 4.90 -27.55
N LYS A 157 14.44 3.67 -27.18
CA LYS A 157 15.37 2.60 -27.51
C LYS A 157 15.66 2.57 -29.00
N ALA A 158 14.62 2.63 -29.82
CA ALA A 158 14.78 2.62 -31.28
C ALA A 158 15.62 3.80 -31.74
N THR A 159 15.39 4.98 -31.16
CA THR A 159 16.16 6.16 -31.54
C THR A 159 17.63 6.00 -31.17
N ARG A 160 17.90 5.47 -29.97
CA ARG A 160 19.29 5.23 -29.57
C ARG A 160 19.97 4.22 -30.48
N ILE A 161 19.27 3.13 -30.82
CA ILE A 161 19.85 2.13 -31.70
C ILE A 161 20.13 2.74 -33.08
N ASN A 162 19.20 3.53 -33.60
CA ASN A 162 19.38 4.14 -34.91
C ASN A 162 20.56 5.11 -34.91
N VAL A 163 20.67 5.94 -33.88
CA VAL A 163 21.77 6.91 -33.84
C VAL A 163 23.11 6.21 -33.65
N SER A 164 23.14 5.14 -32.84
CA SER A 164 24.37 4.38 -32.68
C SER A 164 24.79 3.72 -34.00
N ARG A 165 23.82 3.16 -34.73
CA ARG A 165 24.13 2.54 -36.02
C ARG A 165 24.60 3.58 -37.03
N GLU A 166 23.98 4.76 -37.02
CA GLU A 166 24.42 5.83 -37.92
C GLU A 166 25.83 6.29 -37.60
N ALA A 167 26.15 6.40 -36.30
CA ALA A 167 27.52 6.74 -35.91
C ALA A 167 28.50 5.65 -36.34
N ASP A 168 28.11 4.39 -36.19
CA ASP A 168 28.95 3.28 -36.62
C ASP A 168 28.84 2.98 -38.11
N GLY A 169 27.93 3.64 -38.82
CA GLY A 169 27.77 3.45 -40.25
C GLY A 169 26.68 2.47 -40.64
N LEU A 170 26.17 1.68 -39.71
CA LEU A 170 25.12 0.73 -40.04
C LEU A 170 23.81 1.47 -40.35
N PRO A 171 23.01 0.97 -41.28
CA PRO A 171 21.74 1.62 -41.57
C PRO A 171 20.78 1.51 -40.39
N PRO A 172 19.91 2.49 -40.20
CA PRO A 172 18.95 2.41 -39.08
C PRO A 172 18.03 1.21 -39.23
N ILE A 173 17.70 0.60 -38.09
CA ILE A 173 16.82 -0.56 -38.09
C ILE A 173 15.37 -0.11 -38.23
N GLU A 174 14.51 -1.04 -38.65
CA GLU A 174 13.09 -0.73 -38.81
C GLU A 174 12.45 -0.54 -37.45
N ALA A 175 11.69 0.55 -37.31
CA ALA A 175 11.07 0.87 -36.04
C ALA A 175 9.91 -0.07 -35.75
N GLU A 176 9.83 -0.56 -34.51
CA GLU A 176 8.75 -1.43 -34.12
C GLU A 176 7.43 -0.67 -34.12
N PRO A 177 6.32 -1.33 -34.47
CA PRO A 177 5.02 -0.66 -34.46
C PRO A 177 4.66 -0.21 -33.05
N GLU A 178 4.00 0.95 -32.97
CA GLU A 178 3.61 1.53 -31.69
C GLU A 178 2.23 1.01 -31.31
N GLU A 179 2.12 0.42 -30.12
CA GLU A 179 0.85 -0.07 -29.64
C GLU A 179 -0.09 1.09 -29.34
N THR A 180 -1.38 0.87 -29.58
CA THR A 180 -2.40 1.88 -29.34
C THR A 180 -3.55 1.26 -28.55
N ALA A 181 -4.24 2.11 -27.80
CA ALA A 181 -5.34 1.65 -26.96
C ALA A 181 -6.66 1.51 -27.72
N PHE A 182 -6.70 1.88 -28.99
CA PHE A 182 -7.93 1.87 -29.77
C PHE A 182 -7.94 0.67 -30.71
N GLY A 183 -9.03 -0.07 -30.70
CA GLY A 183 -9.18 -1.22 -31.57
C GLY A 183 -9.89 -0.88 -32.86
N PRO A 184 -10.29 -1.90 -33.63
CA PRO A 184 -11.00 -1.65 -34.88
C PRO A 184 -12.33 -0.94 -34.69
N ASP A 185 -12.99 -1.14 -33.55
CA ASP A 185 -14.28 -0.50 -33.30
C ASP A 185 -14.16 0.98 -32.96
N GLY A 186 -12.95 1.47 -32.71
CA GLY A 186 -12.74 2.85 -32.35
C GLY A 186 -12.76 3.15 -30.87
N LYS A 187 -13.21 2.20 -30.05
CA LYS A 187 -13.24 2.38 -28.61
C LYS A 187 -11.92 1.92 -28.00
N LEU A 188 -11.77 2.13 -26.70
CA LEU A 188 -10.60 1.64 -25.98
C LEU A 188 -10.73 0.15 -25.70
N LYS A 189 -9.63 -0.58 -25.88
CA LYS A 189 -9.61 -1.98 -25.50
C LYS A 189 -9.74 -2.14 -23.99
N GLU A 190 -9.09 -1.28 -23.22
CA GLU A 190 -9.14 -1.33 -21.76
C GLU A 190 -10.02 -0.18 -21.28
N ARG A 191 -11.29 -0.48 -21.03
CA ARG A 191 -12.23 0.53 -20.57
C ARG A 191 -12.15 0.68 -19.06
N PRO A 192 -11.89 1.87 -18.53
CA PRO A 192 -11.83 2.05 -17.08
C PRO A 192 -13.16 1.69 -16.42
N GLY A 193 -13.08 1.13 -15.21
CA GLY A 193 -14.29 0.74 -14.51
C GLY A 193 -14.94 1.85 -13.71
N ILE A 194 -16.22 1.69 -13.38
CA ILE A 194 -16.94 2.71 -12.63
C ILE A 194 -16.63 2.61 -11.14
N ASN A 195 -16.34 3.74 -10.51
CA ASN A 195 -16.01 3.74 -9.08
C ASN A 195 -17.19 4.00 -8.18
N PRO A 196 -17.23 3.31 -7.02
CA PRO A 196 -18.27 3.59 -6.05
C PRO A 196 -17.72 4.58 -5.03
N SER A 197 -17.54 5.83 -5.43
CA SER A 197 -16.96 6.83 -4.54
C SER A 197 -17.67 8.17 -4.65
N ILE A 198 -18.16 8.68 -3.53
CA ILE A 198 -18.87 9.96 -3.53
C ILE A 198 -17.91 11.01 -2.97
N TYR A 199 -17.65 12.05 -3.75
CA TYR A 199 -16.76 13.13 -3.36
C TYR A 199 -17.59 14.31 -2.88
N CYS A 200 -17.38 14.71 -1.63
CA CYS A 200 -18.12 15.83 -1.07
C CYS A 200 -17.49 17.15 -1.47
N TYR A 201 -18.26 18.22 -1.34
CA TYR A 201 -17.84 19.56 -1.72
C TYR A 201 -18.23 20.53 -0.61
N GLN A 202 -18.06 21.83 -0.87
CA GLN A 202 -18.19 22.82 0.19
C GLN A 202 -19.63 22.94 0.69
N GLN A 203 -20.60 22.92 -0.23
CA GLN A 203 -21.99 23.09 0.18
C GLN A 203 -22.50 21.92 1.00
N VAL A 204 -21.77 20.80 1.02
CA VAL A 204 -22.19 19.61 1.76
C VAL A 204 -21.11 19.25 2.78
N SER A 205 -20.39 20.24 3.27
CA SER A 205 -19.30 20.00 4.21
C SER A 205 -19.85 19.56 5.56
N PRO A 206 -19.06 18.80 6.32
CA PRO A 206 -19.54 18.31 7.62
C PRO A 206 -19.77 19.44 8.61
N VAL A 207 -20.82 19.28 9.42
CA VAL A 207 -21.14 20.21 10.50
C VAL A 207 -21.59 19.41 11.71
N PRO A 208 -21.43 19.98 12.90
CA PRO A 208 -21.87 19.27 14.12
C PRO A 208 -23.37 19.02 14.09
N TYR A 209 -23.78 17.87 14.62
CA TYR A 209 -25.19 17.51 14.68
C TYR A 209 -25.93 18.43 15.63
N ASN A 210 -27.12 18.86 15.21
CA ASN A 210 -27.92 19.78 16.00
C ASN A 210 -29.41 19.46 15.81
N PRO A 211 -30.10 19.00 16.86
CA PRO A 211 -31.51 18.66 16.70
C PRO A 211 -32.39 19.83 16.29
N ALA A 212 -31.93 21.06 16.48
CA ALA A 212 -32.71 22.22 16.04
C ALA A 212 -32.69 22.40 14.53
N LYS A 213 -31.76 21.74 13.82
CA LYS A 213 -31.66 21.91 12.38
C LYS A 213 -31.42 20.60 11.64
N HIS A 214 -31.58 19.45 12.28
CA HIS A 214 -31.23 18.17 11.67
C HIS A 214 -32.25 17.13 12.11
N PRO A 215 -32.37 16.03 11.37
CA PRO A 215 -33.33 15.00 11.77
C PRO A 215 -32.99 14.39 13.12
N ALA A 216 -34.04 14.05 13.87
CA ALA A 216 -33.85 13.46 15.20
C ALA A 216 -33.25 12.07 15.08
N LEU A 217 -32.34 11.76 16.00
CA LEU A 217 -31.65 10.48 16.05
C LEU A 217 -31.59 10.00 17.49
N PRO A 218 -31.38 8.70 17.72
CA PRO A 218 -31.25 8.21 19.09
C PRO A 218 -30.18 8.90 19.91
N PHE A 219 -29.04 9.23 19.29
CA PHE A 219 -27.97 9.91 20.01
C PHE A 219 -28.09 11.43 19.85
N SER A 220 -27.43 12.15 20.76
CA SER A 220 -27.45 13.60 20.78
C SER A 220 -26.03 14.14 20.79
N GLY A 221 -25.85 15.29 20.16
CA GLY A 221 -24.55 15.91 20.02
C GLY A 221 -24.29 16.98 21.05
N VAL A 222 -23.01 17.16 21.41
CA VAL A 222 -22.61 18.13 22.40
C VAL A 222 -22.62 19.53 21.80
N ASP A 223 -22.53 20.54 22.65
CA ASP A 223 -22.49 21.92 22.17
C ASP A 223 -21.18 22.13 21.40
N PRO A 224 -21.24 22.60 20.15
CA PRO A 224 -20.00 22.78 19.38
C PRO A 224 -18.97 23.66 20.05
N GLY A 225 -19.39 24.71 20.76
CA GLY A 225 -18.45 25.56 21.46
C GLY A 225 -17.89 24.96 22.73
N ALA A 226 -18.68 24.12 23.41
CA ALA A 226 -18.23 23.55 24.66
C ALA A 226 -17.10 22.55 24.42
N PRO A 227 -16.18 22.41 25.38
CA PRO A 227 -15.07 21.47 25.21
C PRO A 227 -15.56 20.04 25.03
N LEU A 228 -14.83 19.28 24.22
CA LEU A 228 -15.22 17.91 23.94
C LEU A 228 -15.11 17.07 25.21
N PRO A 229 -16.01 16.10 25.40
CA PRO A 229 -15.95 15.28 26.62
C PRO A 229 -14.64 14.52 26.73
N LEU A 230 -14.16 14.40 27.96
CA LEU A 230 -12.97 13.62 28.24
C LEU A 230 -13.35 12.19 28.59
N GLY A 231 -12.36 11.30 28.52
CA GLY A 231 -12.57 9.92 28.92
C GLY A 231 -12.70 9.80 30.42
N THR A 232 -12.35 8.63 30.96
CA THR A 232 -12.40 8.44 32.40
C THR A 232 -11.31 9.27 33.06
N PRO A 233 -11.64 10.17 34.00
CA PRO A 233 -10.61 11.00 34.63
C PRO A 233 -9.62 10.19 35.44
N ASN A 234 -10.13 9.35 36.33
CA ASN A 234 -9.31 8.47 37.18
C ASN A 234 -9.89 7.06 37.08
N ARG A 235 -9.31 6.25 36.19
CA ARG A 235 -9.82 4.90 35.98
C ARG A 235 -9.58 3.99 37.17
N LEU A 236 -8.70 4.37 38.09
CA LEU A 236 -8.43 3.56 39.26
C LEU A 236 -9.48 3.73 40.36
N SER A 237 -10.41 4.67 40.21
CA SER A 237 -11.45 4.91 41.20
C SER A 237 -12.78 4.28 40.84
N ILE A 238 -12.86 3.57 39.72
CA ILE A 238 -14.13 2.93 39.33
C ILE A 238 -14.41 1.76 40.27
N PRO A 239 -15.56 1.72 40.93
CA PRO A 239 -15.82 0.66 41.91
C PRO A 239 -16.07 -0.68 41.24
N LYS A 240 -15.96 -1.73 42.03
CA LYS A 240 -16.34 -3.07 41.57
C LYS A 240 -17.82 -3.09 41.22
N GLY A 241 -18.14 -3.67 40.07
CA GLY A 241 -19.49 -3.67 39.57
C GLY A 241 -19.84 -2.50 38.68
N GLN A 242 -18.85 -1.70 38.27
CA GLN A 242 -19.05 -0.63 37.31
C GLN A 242 -18.09 -0.86 36.15
N PRO A 243 -18.53 -0.65 34.91
CA PRO A 243 -17.67 -0.95 33.76
C PRO A 243 -16.36 -0.17 33.81
N GLY A 244 -15.29 -0.82 33.38
CA GLY A 244 -13.96 -0.25 33.43
C GLY A 244 -13.18 -0.55 34.69
N TYR A 245 -13.70 -1.40 35.57
CA TYR A 245 -13.04 -1.69 36.83
C TYR A 245 -11.69 -2.36 36.60
N VAL A 246 -10.67 -1.88 37.30
CA VAL A 246 -9.32 -2.43 37.23
C VAL A 246 -9.09 -3.29 38.46
N PRO A 247 -8.92 -4.60 38.31
CA PRO A 247 -8.75 -5.45 39.50
C PRO A 247 -7.46 -5.16 40.24
N GLU A 248 -7.44 -5.58 41.50
CA GLU A 248 -6.34 -5.22 42.40
C GLU A 248 -5.01 -5.79 41.93
N TRP A 249 -5.01 -7.04 41.45
CA TRP A 249 -3.75 -7.70 41.12
C TRP A 249 -3.05 -7.04 39.93
N GLN A 250 -3.81 -6.50 38.99
CA GLN A 250 -3.22 -5.83 37.83
C GLN A 250 -2.76 -4.41 38.15
N ARG A 251 -3.11 -3.88 39.32
CA ARG A 251 -2.78 -2.49 39.62
C ARG A 251 -1.28 -2.20 39.61
N PRO A 252 -0.41 -3.00 40.23
CA PRO A 252 1.04 -2.69 40.12
C PRO A 252 1.55 -2.68 38.69
N HIS A 253 1.04 -3.56 37.83
CA HIS A 253 1.49 -3.64 36.44
C HIS A 253 0.60 -2.74 35.59
N LEU A 254 0.98 -1.46 35.51
CA LEU A 254 0.26 -0.49 34.70
C LEU A 254 1.26 0.43 34.02
N SER A 255 1.05 0.68 32.73
CA SER A 255 1.99 1.47 31.95
C SER A 255 2.03 2.91 32.47
N THR A 256 3.23 3.47 32.53
CA THR A 256 3.43 4.81 33.06
C THR A 256 3.53 5.89 31.99
N LYS A 257 3.60 5.51 30.71
CA LYS A 257 3.68 6.49 29.64
C LYS A 257 2.27 6.84 29.15
N ASN A 258 2.17 7.73 28.18
CA ASN A 258 0.89 8.21 27.68
C ASN A 258 0.32 7.24 26.64
N LYS A 259 0.00 6.05 27.13
CA LYS A 259 -0.67 5.04 26.32
C LYS A 259 -2.06 5.51 25.91
N ARG A 260 -2.49 5.15 24.71
CA ARG A 260 -3.85 5.42 24.30
C ARG A 260 -4.82 4.66 25.19
N ILE A 261 -5.95 5.28 25.51
CA ILE A 261 -6.88 4.74 26.47
C ILE A 261 -8.03 4.08 25.74
N ARG A 262 -8.21 2.78 25.97
CA ARG A 262 -9.28 2.01 25.35
C ARG A 262 -10.44 1.90 26.31
N LYS A 263 -11.65 2.22 25.83
CA LYS A 263 -12.83 2.09 26.65
C LYS A 263 -13.17 0.61 26.87
N TRP A 264 -13.98 0.36 27.89
CA TRP A 264 -14.36 -1.01 28.19
C TRP A 264 -15.19 -1.63 27.06
N TYR A 265 -15.90 -0.80 26.30
CA TYR A 265 -16.74 -1.29 25.22
C TYR A 265 -15.99 -1.43 23.90
N ALA A 266 -14.68 -1.14 23.90
CA ALA A 266 -13.88 -1.41 22.71
C ALA A 266 -13.87 -2.89 22.41
N ARG A 267 -14.31 -3.27 21.21
CA ARG A 267 -14.43 -4.68 20.88
C ARG A 267 -13.09 -5.37 20.72
N ALA A 268 -11.98 -4.61 20.69
CA ALA A 268 -10.67 -5.22 20.79
C ALA A 268 -10.47 -5.89 22.14
N ASN A 269 -11.18 -5.41 23.17
CA ASN A 269 -11.11 -6.02 24.49
C ASN A 269 -11.99 -7.24 24.63
N TRP A 270 -12.89 -7.48 23.67
CA TRP A 270 -13.82 -8.60 23.73
C TRP A 270 -13.75 -9.51 22.51
N ARG A 271 -12.78 -9.31 21.63
CA ARG A 271 -12.76 -10.02 20.36
C ARG A 271 -12.50 -11.51 20.58
N ARG A 272 -12.78 -12.29 19.52
CA ARG A 272 -12.59 -13.73 19.59
C ARG A 272 -11.10 -14.06 19.60
N LYS A 273 -10.64 -14.65 20.69
CA LYS A 273 -9.26 -15.01 20.90
C LYS A 273 -9.19 -16.45 21.39
N PRO A 274 -8.11 -17.17 21.09
CA PRO A 274 -8.02 -18.58 21.52
C PRO A 274 -8.12 -18.77 23.03
N GLY A 275 -7.57 -17.86 23.81
CA GLY A 275 -7.49 -18.07 25.25
C GLY A 275 -8.24 -17.08 26.11
N ARG A 276 -9.46 -16.70 25.71
CA ARG A 276 -10.23 -15.71 26.45
C ARG A 276 -11.27 -16.34 27.37
N LYS A 277 -12.14 -17.18 26.83
CA LYS A 277 -13.31 -17.72 27.51
C LYS A 277 -14.31 -16.64 27.92
N SER A 278 -14.11 -15.40 27.47
CA SER A 278 -15.07 -14.34 27.66
C SER A 278 -16.16 -14.42 26.59
N VAL A 279 -17.21 -13.63 26.78
CA VAL A 279 -18.36 -13.62 25.89
C VAL A 279 -18.44 -12.26 25.22
N LEU A 280 -18.70 -12.27 23.91
CA LEU A 280 -18.90 -11.05 23.13
C LEU A 280 -20.38 -10.87 22.87
N ASP A 281 -20.95 -9.77 23.36
CA ASP A 281 -22.32 -9.38 23.06
C ASP A 281 -22.24 -8.08 22.28
N GLU A 282 -22.40 -8.17 20.96
CA GLU A 282 -22.18 -7.00 20.10
C GLU A 282 -23.24 -5.93 20.34
N ALA A 283 -24.47 -6.32 20.67
CA ALA A 283 -25.53 -5.33 20.89
C ALA A 283 -25.22 -4.44 22.08
N LYS A 284 -24.77 -5.04 23.20
CA LYS A 284 -24.45 -4.23 24.38
C LYS A 284 -23.28 -3.29 24.11
N LEU A 285 -22.25 -3.78 23.40
CA LEU A 285 -21.12 -2.92 23.08
C LEU A 285 -21.53 -1.78 22.17
N LYS A 286 -22.38 -2.06 21.17
CA LYS A 286 -22.84 -1.02 20.28
C LYS A 286 -23.67 0.03 21.01
N GLU A 287 -24.59 -0.41 21.87
CA GLU A 287 -25.43 0.54 22.58
C GLU A 287 -24.64 1.32 23.64
N ALA A 288 -23.57 0.73 24.17
CA ALA A 288 -22.72 1.48 25.08
C ALA A 288 -21.83 2.48 24.34
N ALA A 289 -21.40 2.14 23.13
CA ALA A 289 -20.56 3.05 22.37
C ALA A 289 -21.36 4.22 21.80
N LEU A 290 -22.60 3.98 21.38
CA LEU A 290 -23.40 5.02 20.76
C LEU A 290 -23.80 6.14 21.71
N LYS A 291 -23.78 5.90 23.02
CA LYS A 291 -24.18 6.92 23.97
C LYS A 291 -23.12 7.98 24.21
N GLU A 292 -21.89 7.76 23.74
CA GLU A 292 -20.79 8.70 23.97
C GLU A 292 -20.12 9.11 22.67
N ALA A 293 -20.76 8.87 21.53
CA ALA A 293 -20.18 9.25 20.26
C ALA A 293 -20.19 10.76 20.08
N ILE A 294 -19.32 11.24 19.20
CA ILE A 294 -19.29 12.66 18.83
C ILE A 294 -19.83 12.76 17.41
N PRO A 295 -21.13 13.02 17.23
CA PRO A 295 -21.72 12.95 15.89
C PRO A 295 -21.53 14.21 15.05
N ILE A 296 -21.24 14.00 13.77
CA ILE A 296 -21.19 15.05 12.77
C ILE A 296 -22.06 14.62 11.60
N ILE A 297 -22.60 15.59 10.87
CA ILE A 297 -23.61 15.33 9.85
C ILE A 297 -23.20 15.98 8.53
N VAL A 298 -23.50 15.28 7.43
CA VAL A 298 -23.33 15.78 6.07
C VAL A 298 -24.66 15.61 5.35
N THR A 299 -25.15 16.67 4.72
CA THR A 299 -26.44 16.66 4.05
C THR A 299 -26.26 17.08 2.60
N ILE A 300 -26.51 16.17 1.67
CA ILE A 300 -26.52 16.44 0.24
C ILE A 300 -27.95 16.29 -0.25
N GLY A 301 -28.55 17.40 -0.66
CA GLY A 301 -29.95 17.36 -1.07
C GLY A 301 -30.84 17.01 0.09
N LYS A 302 -31.72 16.04 -0.13
CA LYS A 302 -32.64 15.56 0.91
C LYS A 302 -32.08 14.40 1.71
N ASP A 303 -30.88 13.93 1.39
CA ASP A 303 -30.27 12.79 2.07
C ASP A 303 -29.17 13.27 3.01
N TRP A 304 -28.82 12.41 3.96
CA TRP A 304 -27.85 12.79 4.98
C TRP A 304 -27.20 11.53 5.55
N ILE A 305 -26.02 11.72 6.13
CA ILE A 305 -25.33 10.68 6.88
C ILE A 305 -24.70 11.30 8.12
N VAL A 306 -24.67 10.53 9.20
CA VAL A 306 -24.09 10.96 10.46
C VAL A 306 -22.94 10.03 10.81
N MET A 307 -21.80 10.61 11.17
CA MET A 307 -20.57 9.88 11.40
C MET A 307 -20.15 10.02 12.85
N ASP A 308 -19.12 9.26 13.22
CA ASP A 308 -18.54 9.29 14.56
C ASP A 308 -17.20 10.01 14.45
N ALA A 309 -17.13 11.22 15.00
CA ALA A 309 -15.94 12.05 14.91
C ALA A 309 -14.84 11.63 15.88
N ARG A 310 -15.00 10.49 16.56
CA ARG A 310 -13.95 10.04 17.47
C ARG A 310 -12.70 9.57 16.74
N GLY A 311 -12.83 9.14 15.48
CA GLY A 311 -11.65 8.86 14.68
C GLY A 311 -10.79 10.10 14.46
N LEU A 312 -11.44 11.22 14.17
CA LEU A 312 -10.72 12.48 14.04
C LEU A 312 -10.05 12.86 15.36
N LEU A 313 -10.74 12.64 16.48
CA LEU A 313 -10.17 12.95 17.78
C LEU A 313 -8.93 12.11 18.07
N ARG A 314 -9.00 10.80 17.79
CA ARG A 314 -7.83 9.95 18.00
C ARG A 314 -6.68 10.37 17.08
N ALA A 315 -7.00 10.70 15.83
CA ALA A 315 -5.96 11.11 14.89
C ALA A 315 -5.28 12.39 15.36
N VAL A 316 -6.05 13.34 15.90
CA VAL A 316 -5.43 14.59 16.35
C VAL A 316 -4.70 14.40 17.66
N TYR A 317 -5.10 13.42 18.48
CA TYR A 317 -4.41 13.19 19.75
C TYR A 317 -3.08 12.48 19.53
N TRP A 318 -3.09 11.32 18.86
CA TRP A 318 -1.86 10.54 18.76
C TRP A 318 -0.79 11.25 17.93
N ARG A 319 -1.17 12.22 17.10
CA ARG A 319 -0.22 12.96 16.29
C ARG A 319 0.35 14.18 17.00
N GLY A 320 -0.16 14.52 18.18
CA GLY A 320 0.34 15.66 18.91
C GLY A 320 0.05 16.99 18.24
N ILE A 321 -1.17 17.17 17.75
CA ILE A 321 -1.59 18.41 17.14
C ILE A 321 -2.42 19.25 18.10
N ALA A 322 -3.39 18.66 18.77
CA ALA A 322 -4.26 19.36 19.69
C ALA A 322 -4.29 18.63 21.02
N LYS A 323 -4.13 19.39 22.10
CA LYS A 323 -4.14 18.83 23.45
C LYS A 323 -5.58 18.59 23.90
N PRO A 324 -5.77 17.69 24.87
CA PRO A 324 -7.13 17.42 25.37
C PRO A 324 -7.80 18.66 25.93
N GLY A 325 -9.11 18.75 25.72
CA GLY A 325 -9.90 19.85 26.20
C GLY A 325 -10.45 20.78 25.14
N LEU A 326 -10.24 20.48 23.86
CA LEU A 326 -10.71 21.31 22.77
C LEU A 326 -12.18 21.02 22.47
N SER A 327 -12.76 21.84 21.60
CA SER A 327 -14.16 21.69 21.23
C SER A 327 -14.29 21.05 19.85
N LEU A 328 -15.53 20.70 19.51
CA LEU A 328 -15.79 20.03 18.24
C LEU A 328 -15.60 20.95 17.05
N LYS A 329 -15.77 22.26 17.25
CA LYS A 329 -15.68 23.18 16.11
C LYS A 329 -14.28 23.20 15.50
N GLU A 330 -13.25 23.30 16.33
CA GLU A 330 -11.89 23.27 15.80
C GLU A 330 -11.38 21.86 15.57
N LEU A 331 -12.05 20.84 16.10
CA LEU A 331 -11.72 19.48 15.71
C LEU A 331 -12.04 19.24 14.24
N LEU A 332 -13.21 19.71 13.80
CA LEU A 332 -13.55 19.64 12.38
C LEU A 332 -12.74 20.62 11.56
N GLY A 333 -12.12 21.61 12.18
CA GLY A 333 -11.30 22.60 11.50
C GLY A 333 -9.88 22.18 11.23
N PHE A 334 -9.46 21.02 11.71
CA PHE A 334 -8.15 20.49 11.38
C PHE A 334 -8.16 19.64 10.13
N PHE A 335 -9.33 19.38 9.55
CA PHE A 335 -9.47 18.57 8.36
C PHE A 335 -10.20 19.38 7.28
N SER A 336 -10.05 18.94 6.04
CA SER A 336 -10.73 19.59 4.94
C SER A 336 -12.23 19.35 5.02
N GLY A 337 -12.98 20.18 4.31
CA GLY A 337 -14.42 20.06 4.29
C GLY A 337 -14.91 19.21 3.14
N ASP A 338 -14.03 18.40 2.57
CA ASP A 338 -14.35 17.59 1.39
C ASP A 338 -13.99 16.12 1.66
N PRO A 339 -14.78 15.43 2.47
CA PRO A 339 -14.54 14.00 2.70
C PRO A 339 -14.88 13.17 1.48
N VAL A 340 -14.42 11.92 1.51
CA VAL A 340 -14.66 10.96 0.44
C VAL A 340 -15.42 9.78 1.04
N LEU A 341 -16.50 9.38 0.38
CA LEU A 341 -17.42 8.38 0.89
C LEU A 341 -17.40 7.16 -0.01
N ASP A 342 -17.20 5.98 0.57
CA ASP A 342 -17.39 4.74 -0.17
C ASP A 342 -18.53 3.95 0.43
N PRO A 343 -19.61 3.70 -0.32
CA PRO A 343 -20.77 3.01 0.26
C PRO A 343 -20.47 1.59 0.72
N LYS A 344 -19.46 0.93 0.13
CA LYS A 344 -19.23 -0.48 0.40
C LYS A 344 -18.88 -0.73 1.85
N ARG A 345 -18.02 0.11 2.42
CA ARG A 345 -17.57 -0.07 3.80
C ARG A 345 -18.40 0.72 4.80
N GLY A 346 -18.82 1.93 4.42
CA GLY A 346 -19.48 2.81 5.37
C GLY A 346 -18.47 3.61 6.16
N ILE A 347 -17.40 4.04 5.49
CA ILE A 347 -16.30 4.76 6.11
C ILE A 347 -16.07 6.05 5.33
N ALA A 348 -15.94 7.15 6.05
CA ALA A 348 -15.60 8.44 5.45
C ALA A 348 -14.13 8.73 5.68
N THR A 349 -13.42 9.01 4.60
CA THR A 349 -11.98 9.21 4.65
C THR A 349 -11.70 10.71 4.62
N PHE A 350 -11.68 11.32 5.80
CA PHE A 350 -11.22 12.69 5.93
C PHE A 350 -9.73 12.77 5.63
N THR A 351 -9.31 13.92 5.13
CA THR A 351 -7.89 14.19 4.89
C THR A 351 -7.49 15.42 5.69
N PHE A 352 -6.32 15.34 6.33
CA PHE A 352 -5.85 16.43 7.16
C PHE A 352 -5.66 17.69 6.34
N LYS A 353 -5.96 18.84 6.94
CA LYS A 353 -5.80 20.11 6.25
C LYS A 353 -4.34 20.37 5.94
N LEU A 354 -4.09 21.10 4.87
CA LEU A 354 -2.73 21.36 4.41
C LEU A 354 -2.06 22.30 5.41
N GLY A 355 -1.25 21.72 6.29
CA GLY A 355 -0.56 22.51 7.30
C GLY A 355 -0.71 21.94 8.69
N ALA A 356 -1.67 21.03 8.87
CA ALA A 356 -1.88 20.42 10.18
C ALA A 356 -0.69 19.56 10.58
N VAL A 357 -0.11 18.83 9.64
CA VAL A 357 1.04 17.98 9.90
C VAL A 357 2.26 18.64 9.27
N ALA A 358 3.29 18.88 10.09
CA ALA A 358 4.51 19.54 9.62
C ALA A 358 5.41 18.50 8.97
N VAL A 359 5.03 18.10 7.76
CA VAL A 359 5.76 17.10 6.99
C VAL A 359 5.94 17.63 5.57
N HIS A 360 7.18 17.67 5.11
CA HIS A 360 7.52 18.00 3.73
C HIS A 360 7.94 16.71 3.05
N SER A 361 7.09 16.19 2.17
CA SER A 361 7.37 14.92 1.53
C SER A 361 8.57 15.04 0.60
N ARG A 362 9.42 14.00 0.62
CA ARG A 362 10.61 13.94 -0.21
C ARG A 362 10.59 12.65 -1.01
N LYS A 363 11.62 12.46 -1.81
CA LYS A 363 11.85 11.23 -2.55
C LYS A 363 13.26 10.72 -2.27
N PRO A 364 13.47 9.41 -2.30
CA PRO A 364 14.81 8.86 -2.04
C PRO A 364 15.81 9.36 -3.07
N THR A 365 16.88 9.99 -2.59
CA THR A 365 17.91 10.55 -3.44
C THR A 365 18.91 9.47 -3.88
N ARG A 366 19.74 9.82 -4.85
CA ARG A 366 20.67 8.87 -5.43
C ARG A 366 21.94 9.59 -5.87
N GLY A 367 23.09 9.00 -5.57
CA GLY A 367 24.35 9.50 -6.12
C GLY A 367 24.76 10.83 -5.51
N LYS A 368 25.14 11.76 -6.39
CA LYS A 368 25.66 13.05 -5.94
C LYS A 368 24.61 13.85 -5.20
N LYS A 369 23.34 13.76 -5.63
CA LYS A 369 22.27 14.48 -4.97
C LYS A 369 22.19 14.17 -3.48
N SER A 370 22.57 12.95 -3.08
CA SER A 370 22.70 12.65 -1.66
C SER A 370 23.76 13.54 -1.01
N LYS A 371 24.90 13.72 -1.68
CA LYS A 371 25.95 14.56 -1.13
C LYS A 371 25.47 16.01 -1.00
N GLU A 372 24.78 16.53 -2.02
CA GLU A 372 24.25 17.88 -1.90
C GLU A 372 23.23 17.99 -0.78
N LEU A 373 22.37 16.98 -0.64
CA LEU A 373 21.33 17.02 0.38
C LEU A 373 21.94 17.05 1.78
N LEU A 374 22.92 16.19 2.04
CA LEU A 374 23.52 16.19 3.38
C LEU A 374 24.44 17.38 3.62
N LEU A 375 25.10 17.90 2.58
CA LEU A 375 25.85 19.14 2.78
C LEU A 375 24.92 20.32 3.05
N SER A 376 23.70 20.28 2.51
CA SER A 376 22.71 21.28 2.87
C SER A 376 22.24 21.08 4.31
N MET A 377 22.01 19.82 4.71
CA MET A 377 21.47 19.56 6.04
C MET A 377 22.47 19.91 7.13
N THR A 378 23.73 19.48 6.99
CA THR A 378 24.72 19.67 8.04
C THR A 378 25.06 21.14 8.25
N ALA A 379 24.74 22.00 7.28
CA ALA A 379 24.87 23.43 7.50
C ALA A 379 23.75 23.99 8.37
N GLU A 380 22.59 23.33 8.41
CA GLU A 380 21.47 23.82 9.18
C GLU A 380 21.68 23.61 10.68
N LYS A 381 22.18 22.43 11.06
CA LYS A 381 22.41 22.10 12.45
C LYS A 381 23.83 21.62 12.64
N PRO A 382 24.45 21.92 13.79
CA PRO A 382 25.81 21.44 14.06
C PRO A 382 25.91 19.93 14.18
N HIS A 383 24.81 19.23 14.43
CA HIS A 383 24.80 17.79 14.61
C HIS A 383 23.80 17.16 13.64
N VAL A 384 24.25 16.16 12.90
CA VAL A 384 23.40 15.39 11.99
C VAL A 384 23.71 13.92 12.19
N GLY A 385 22.67 13.10 12.38
CA GLY A 385 22.81 11.69 12.65
C GLY A 385 22.54 10.85 11.43
N LEU A 386 23.27 9.74 11.30
CA LEU A 386 23.13 8.81 10.19
C LEU A 386 22.79 7.42 10.70
N VAL A 387 22.32 6.58 9.78
CA VAL A 387 22.13 5.17 10.04
C VAL A 387 22.26 4.40 8.73
N ALA A 388 23.09 3.37 8.73
CA ALA A 388 23.31 2.53 7.57
C ALA A 388 22.63 1.19 7.78
N ILE A 389 21.85 0.77 6.79
CA ILE A 389 20.97 -0.39 6.92
C ILE A 389 21.51 -1.50 6.05
N ASP A 390 21.98 -2.57 6.70
CA ASP A 390 22.36 -3.79 6.00
C ASP A 390 21.27 -4.83 6.27
N LEU A 391 20.20 -4.74 5.50
CA LEU A 391 19.09 -5.67 5.63
C LEU A 391 19.40 -6.95 4.86
N GLY A 392 19.35 -8.08 5.54
CA GLY A 392 19.68 -9.35 4.92
C GLY A 392 20.98 -9.96 5.41
N GLN A 393 21.30 -9.77 6.69
CA GLN A 393 22.50 -10.36 7.29
C GLN A 393 22.08 -11.04 8.60
N THR A 394 21.60 -12.28 8.49
CA THR A 394 21.28 -13.15 9.63
C THR A 394 20.22 -12.53 10.56
N ASN A 395 19.72 -11.36 10.19
CA ASN A 395 18.72 -10.64 10.96
C ASN A 395 18.04 -9.64 10.03
N PRO A 396 16.77 -9.30 10.27
CA PRO A 396 16.07 -8.42 9.33
C PRO A 396 16.74 -7.08 9.11
N VAL A 397 17.28 -6.45 10.16
CA VAL A 397 17.88 -5.13 10.06
C VAL A 397 19.15 -5.09 10.89
N ALA A 398 20.20 -4.49 10.34
CA ALA A 398 21.42 -4.16 11.06
C ALA A 398 21.72 -2.68 10.81
N ALA A 399 21.94 -1.93 11.89
CA ALA A 399 22.06 -0.48 11.81
C ALA A 399 23.46 -0.05 12.21
N GLU A 400 24.06 0.81 11.40
CA GLU A 400 25.36 1.40 11.67
C GLU A 400 25.16 2.88 11.94
N PHE A 401 25.29 3.29 13.19
CA PHE A 401 25.04 4.66 13.59
C PHE A 401 26.31 5.50 13.41
N SER A 402 26.10 6.79 13.12
CA SER A 402 27.21 7.72 12.96
C SER A 402 26.64 9.14 13.02
N ARG A 403 27.56 10.10 13.08
CA ARG A 403 27.22 11.52 13.01
C ARG A 403 27.99 12.17 11.87
N VAL A 404 27.49 13.32 11.42
CA VAL A 404 28.07 14.06 10.32
C VAL A 404 28.42 15.47 10.81
N LYS A 405 29.65 15.88 10.57
CA LYS A 405 30.16 17.19 10.98
C LYS A 405 30.56 18.00 9.76
N ARG A 406 30.96 19.25 10.01
CA ARG A 406 31.41 20.15 8.95
C ARG A 406 32.84 20.57 9.25
N GLU A 407 33.80 19.99 8.52
CA GLU A 407 35.18 20.45 8.54
C GLU A 407 35.41 21.45 7.40
N GLY A 408 34.62 22.51 7.43
CA GLY A 408 34.60 23.47 6.35
C GLY A 408 33.71 23.01 5.21
N GLU A 409 34.19 22.07 4.41
CA GLU A 409 33.41 21.46 3.35
C GLU A 409 33.67 19.97 3.29
N THR A 410 33.71 19.32 4.46
CA THR A 410 34.04 17.90 4.55
C THR A 410 32.99 17.19 5.39
N LEU A 411 32.59 16.00 4.95
CA LEU A 411 31.63 15.17 5.67
C LEU A 411 32.40 14.22 6.60
N GLN A 412 32.88 14.79 7.70
CA GLN A 412 33.57 14.01 8.71
C GLN A 412 32.56 13.19 9.52
N ALA A 413 32.87 11.93 9.73
CA ALA A 413 31.97 10.99 10.40
C ALA A 413 32.70 10.22 11.47
N GLU A 414 32.04 10.01 12.61
CA GLU A 414 32.57 9.20 13.69
C GLU A 414 31.50 8.20 14.13
N PRO A 415 31.76 6.90 14.04
CA PRO A 415 30.76 5.91 14.44
C PRO A 415 30.47 5.98 15.94
N LEU A 416 29.21 5.72 16.28
CA LEU A 416 28.80 5.65 17.68
C LEU A 416 28.25 4.29 18.07
N GLY A 417 28.43 3.26 17.25
CA GLY A 417 28.08 1.92 17.63
C GLY A 417 27.45 1.17 16.49
N GLN A 418 26.78 0.07 16.85
CA GLN A 418 26.15 -0.82 15.89
C GLN A 418 25.16 -1.70 16.65
N ILE A 419 23.91 -1.72 16.18
CA ILE A 419 22.84 -2.44 16.85
C ILE A 419 22.12 -3.34 15.86
N VAL A 420 21.35 -4.28 16.42
CA VAL A 420 20.44 -5.11 15.67
C VAL A 420 19.07 -5.02 16.33
N LEU A 421 18.06 -5.55 15.64
CA LEU A 421 16.71 -5.49 16.16
C LEU A 421 16.59 -6.35 17.43
N PRO A 422 15.75 -5.95 18.37
CA PRO A 422 15.64 -6.70 19.63
C PRO A 422 14.99 -8.06 19.41
N ASP A 423 15.12 -8.91 20.44
CA ASP A 423 14.66 -10.29 20.33
C ASP A 423 13.15 -10.36 20.17
N ASP A 424 12.40 -9.54 20.92
CA ASP A 424 10.95 -9.60 20.85
C ASP A 424 10.44 -9.23 19.47
N LEU A 425 11.03 -8.21 18.84
CA LEU A 425 10.61 -7.80 17.50
C LEU A 425 10.95 -8.89 16.48
N VAL A 426 12.13 -9.49 16.60
CA VAL A 426 12.49 -10.61 15.73
C VAL A 426 11.58 -11.80 15.99
N LYS A 427 11.15 -11.99 17.25
CA LYS A 427 10.18 -13.04 17.53
C LYS A 427 8.85 -12.77 16.82
N ASP A 428 8.41 -11.51 16.81
CA ASP A 428 7.20 -11.17 16.09
C ASP A 428 7.34 -11.44 14.60
N LEU A 429 8.49 -11.04 14.03
CA LEU A 429 8.72 -11.27 12.60
C LEU A 429 8.75 -12.76 12.28
N THR A 430 9.35 -13.56 13.14
CA THR A 430 9.35 -15.01 12.95
C THR A 430 7.95 -15.58 13.05
N ARG A 431 7.15 -15.10 14.00
CA ARG A 431 5.78 -15.58 14.10
C ARG A 431 4.94 -15.21 12.89
N TYR A 432 5.27 -14.09 12.24
CA TYR A 432 4.58 -13.76 10.99
C TYR A 432 4.91 -14.78 9.90
N ARG A 433 6.20 -15.11 9.74
CA ARG A 433 6.60 -16.01 8.66
C ARG A 433 6.08 -17.42 8.89
N ARG A 434 6.03 -17.87 10.15
CA ARG A 434 5.44 -19.17 10.45
C ARG A 434 3.95 -19.22 10.11
N ALA A 435 3.30 -18.06 10.02
CA ALA A 435 1.90 -17.99 9.61
C ALA A 435 1.73 -17.69 8.13
N TRP A 436 2.70 -17.00 7.51
CA TRP A 436 2.66 -16.80 6.07
C TRP A 436 2.85 -18.13 5.34
N ASP A 437 3.89 -18.87 5.69
CA ASP A 437 4.17 -20.14 5.03
C ASP A 437 2.97 -21.08 5.11
N ALA A 438 2.28 -21.09 6.26
CA ALA A 438 1.06 -21.87 6.38
C ALA A 438 -0.06 -21.35 5.48
N THR A 439 0.03 -20.11 5.01
CA THR A 439 -0.99 -19.54 4.14
C THR A 439 -0.71 -19.83 2.67
N GLU A 440 0.53 -19.62 2.21
CA GLU A 440 0.84 -20.06 0.84
C GLU A 440 1.02 -21.57 0.73
N GLU A 441 0.99 -22.32 1.82
CA GLU A 441 0.82 -23.75 1.69
C GLU A 441 -0.59 -24.08 1.18
N GLN A 442 -1.60 -23.50 1.81
CA GLN A 442 -2.98 -23.82 1.48
C GLN A 442 -3.49 -23.05 0.26
N ILE A 443 -2.90 -21.89 -0.07
CA ILE A 443 -3.33 -21.19 -1.28
C ILE A 443 -2.85 -21.92 -2.53
N LYS A 444 -2.02 -22.95 -2.35
CA LYS A 444 -1.60 -23.84 -3.43
C LYS A 444 -2.17 -25.24 -3.31
N ALA A 445 -2.23 -25.80 -2.11
CA ALA A 445 -2.62 -27.20 -1.95
C ALA A 445 -4.04 -27.44 -2.45
N GLU A 446 -5.00 -26.63 -2.02
CA GLU A 446 -6.37 -26.79 -2.47
C GLU A 446 -6.71 -25.88 -3.65
N ALA A 447 -5.73 -25.20 -4.23
CA ALA A 447 -5.94 -24.43 -5.45
C ALA A 447 -5.47 -25.15 -6.71
N ILE A 448 -4.38 -25.91 -6.63
CA ILE A 448 -3.96 -26.70 -7.77
C ILE A 448 -4.74 -28.02 -7.87
N VAL A 449 -5.43 -28.42 -6.80
CA VAL A 449 -6.23 -29.64 -6.87
C VAL A 449 -7.50 -29.39 -7.67
N GLN A 450 -7.92 -28.13 -7.81
CA GLN A 450 -9.07 -27.78 -8.64
C GLN A 450 -8.65 -27.90 -10.11
N LEU A 451 -8.44 -29.14 -10.52
CA LEU A 451 -7.82 -29.61 -11.75
C LEU A 451 -8.84 -30.03 -12.80
N PRO A 452 -8.52 -29.82 -14.08
CA PRO A 452 -9.47 -30.14 -15.15
C PRO A 452 -9.37 -31.59 -15.63
N GLU A 453 -8.60 -32.41 -14.91
CA GLU A 453 -8.35 -33.83 -15.12
C GLU A 453 -7.36 -34.09 -16.26
N GLU A 454 -6.97 -33.08 -17.02
CA GLU A 454 -5.94 -33.31 -18.03
C GLU A 454 -4.77 -32.34 -17.92
N CYS A 455 -4.95 -31.20 -17.24
CA CYS A 455 -3.90 -30.19 -17.17
C CYS A 455 -2.87 -30.49 -16.10
N ARG A 456 -2.97 -31.62 -15.41
CA ARG A 456 -2.01 -31.94 -14.35
C ARG A 456 -0.61 -32.13 -14.90
N ALA A 457 -0.48 -32.76 -16.06
CA ALA A 457 0.84 -33.19 -16.55
C ALA A 457 1.78 -32.02 -16.74
N GLU A 458 1.27 -30.89 -17.23
CA GLU A 458 2.14 -29.77 -17.58
C GLU A 458 2.66 -29.01 -16.37
N VAL A 459 1.94 -29.02 -15.26
CA VAL A 459 2.32 -28.18 -14.11
C VAL A 459 2.47 -28.97 -12.82
N VAL A 460 1.47 -29.76 -12.45
CA VAL A 460 1.39 -30.30 -11.09
C VAL A 460 2.31 -31.50 -10.93
N LYS A 461 2.03 -32.59 -11.67
CA LYS A 461 2.80 -33.81 -11.48
C LYS A 461 4.15 -33.77 -12.16
N VAL A 462 4.37 -32.86 -13.13
CA VAL A 462 5.71 -32.70 -13.68
C VAL A 462 6.68 -32.27 -12.60
N ASN A 463 6.20 -31.55 -11.58
CA ASN A 463 7.02 -31.26 -10.41
C ASN A 463 7.28 -32.53 -9.61
N GLN A 464 6.34 -33.47 -9.62
CA GLN A 464 6.58 -34.76 -8.97
C GLN A 464 7.67 -35.55 -9.70
N MET A 465 7.65 -35.53 -11.03
CA MET A 465 8.74 -36.16 -11.77
C MET A 465 10.03 -35.36 -11.72
N SER A 466 10.01 -34.13 -11.20
CA SER A 466 11.25 -33.39 -10.99
C SER A 466 12.15 -34.10 -9.99
N ALA A 467 11.56 -34.72 -8.96
CA ALA A 467 12.34 -35.53 -8.04
C ALA A 467 12.36 -36.99 -8.47
N GLU A 468 11.42 -37.41 -9.31
CA GLU A 468 11.31 -38.82 -9.70
C GLU A 468 12.01 -39.12 -11.02
N GLU A 469 11.59 -38.44 -12.10
CA GLU A 469 12.09 -38.78 -13.43
C GLU A 469 13.51 -38.27 -13.65
N THR A 470 13.84 -37.10 -13.11
CA THR A 470 15.16 -36.52 -13.29
C THR A 470 16.27 -37.44 -12.77
N GLY A 481 26.30 -39.20 -8.72
CA GLY A 481 26.62 -39.88 -7.48
C GLY A 481 27.65 -39.14 -6.65
N ASP A 482 28.63 -38.53 -7.32
CA ASP A 482 29.65 -37.77 -6.61
C ASP A 482 29.03 -36.59 -5.88
N LEU A 483 28.12 -35.89 -6.53
CA LEU A 483 27.35 -34.80 -5.93
C LEU A 483 26.14 -35.36 -5.20
N PRO A 484 25.56 -34.59 -4.28
CA PRO A 484 24.31 -35.05 -3.63
C PRO A 484 23.12 -35.14 -4.58
N TRP A 485 23.27 -34.74 -5.83
CA TRP A 485 22.29 -34.78 -6.92
C TRP A 485 21.21 -33.72 -6.72
N GLU A 486 21.19 -33.02 -5.60
CA GLU A 486 20.28 -31.91 -5.36
C GLU A 486 21.00 -30.65 -4.92
N LYS A 487 22.05 -30.78 -4.11
CA LYS A 487 22.86 -29.64 -3.75
C LYS A 487 23.54 -29.06 -4.98
N MET A 488 23.50 -27.73 -5.10
CA MET A 488 24.01 -27.06 -6.29
C MET A 488 25.53 -27.03 -6.25
N THR A 489 26.16 -27.62 -7.29
CA THR A 489 27.62 -27.64 -7.42
C THR A 489 27.98 -27.16 -8.83
N SER A 490 28.11 -25.85 -8.98
CA SER A 490 28.37 -25.25 -10.28
C SER A 490 29.84 -25.37 -10.66
N ASN A 491 30.09 -25.56 -11.96
CA ASN A 491 31.43 -25.55 -12.55
C ASN A 491 32.24 -26.77 -12.14
N THR A 492 31.66 -27.64 -11.31
CA THR A 492 32.36 -28.85 -10.90
C THR A 492 31.95 -30.03 -11.76
N THR A 493 32.92 -30.91 -12.04
CA THR A 493 32.70 -32.08 -12.87
C THR A 493 32.27 -33.30 -12.06
N PHE A 494 31.74 -33.09 -10.85
CA PHE A 494 31.30 -34.22 -10.04
C PHE A 494 30.14 -34.96 -10.70
N ILE A 495 29.30 -34.24 -11.46
CA ILE A 495 28.16 -34.86 -12.13
C ILE A 495 28.65 -35.88 -13.15
N SER A 496 29.59 -35.47 -14.00
CA SER A 496 30.13 -36.37 -15.02
C SER A 496 31.19 -37.30 -14.48
N ASP A 497 31.73 -37.04 -13.29
CA ASP A 497 32.70 -37.96 -12.70
C ASP A 497 32.05 -39.29 -12.37
N HIS A 498 30.89 -39.25 -11.70
CA HIS A 498 30.17 -40.49 -11.40
C HIS A 498 29.46 -41.03 -12.63
N LEU A 499 28.94 -40.14 -13.47
CA LEU A 499 28.20 -40.58 -14.65
C LEU A 499 29.10 -41.34 -15.61
N LEU A 500 30.31 -40.83 -15.84
CA LEU A 500 31.26 -41.50 -16.70
C LEU A 500 32.09 -42.55 -15.97
N ALA A 501 31.90 -42.69 -14.66
CA ALA A 501 32.48 -43.82 -13.96
C ALA A 501 31.83 -45.14 -14.39
N LYS A 502 30.65 -45.06 -14.97
CA LYS A 502 29.92 -46.22 -15.50
C LYS A 502 29.47 -45.97 -16.93
N GLY A 503 30.21 -45.13 -17.65
CA GLY A 503 29.88 -44.82 -19.03
C GLY A 503 31.08 -44.22 -19.73
N VAL A 504 31.00 -44.21 -21.06
CA VAL A 504 32.11 -43.73 -21.88
C VAL A 504 31.67 -42.55 -22.76
N THR A 505 31.86 -41.33 -22.25
CA THR A 505 31.61 -40.06 -22.93
C THR A 505 30.34 -40.08 -23.76
N ASP A 506 29.30 -40.76 -23.28
CA ASP A 506 28.04 -40.87 -24.00
C ASP A 506 26.91 -41.03 -22.99
N GLN A 507 25.73 -40.54 -23.37
CA GLN A 507 24.55 -40.59 -22.52
C GLN A 507 23.37 -40.22 -23.42
N VAL A 508 22.17 -40.22 -22.84
CA VAL A 508 20.97 -39.97 -23.63
C VAL A 508 20.98 -38.57 -24.24
N PHE A 509 21.72 -37.65 -23.64
CA PHE A 509 21.87 -36.30 -24.18
C PHE A 509 23.35 -35.92 -24.16
N PHE A 510 23.67 -34.77 -24.74
CA PHE A 510 25.04 -34.27 -24.82
C PHE A 510 25.12 -32.84 -24.31
N GLU A 511 26.26 -32.18 -24.52
CA GLU A 511 26.35 -30.76 -24.15
C GLU A 511 26.44 -29.88 -25.39
N LYS A 512 27.49 -30.09 -26.19
CA LYS A 512 27.67 -29.45 -27.50
C LYS A 512 27.22 -27.98 -27.50
N LYS A 513 27.56 -27.26 -26.44
CA LYS A 513 27.09 -25.88 -26.26
C LYS A 513 28.27 -24.91 -26.34
N SER A 514 28.11 -23.82 -27.08
CA SER A 514 29.16 -22.81 -27.14
C SER A 514 28.97 -21.92 -25.94
N LYS A 515 29.57 -22.29 -24.81
CA LYS A 515 29.36 -21.54 -23.59
C LYS A 515 30.58 -20.81 -23.06
N GLY A 516 30.38 -19.60 -22.56
CA GLY A 516 31.50 -18.83 -22.01
C GLY A 516 31.57 -17.44 -22.60
N LYS A 517 32.54 -16.66 -22.14
CA LYS A 517 32.72 -15.31 -22.68
C LYS A 517 33.16 -15.41 -24.13
N LYS A 518 34.08 -16.32 -24.41
CA LYS A 518 34.52 -16.53 -25.78
C LYS A 518 33.77 -17.69 -26.39
N LYS A 519 32.63 -18.04 -25.80
CA LYS A 519 31.81 -19.15 -26.29
C LYS A 519 32.60 -20.42 -26.55
N GLY A 520 33.32 -20.89 -25.53
CA GLY A 520 34.11 -22.10 -25.68
C GLY A 520 33.24 -23.30 -25.98
N THR A 521 33.72 -24.20 -26.82
CA THR A 521 32.93 -25.37 -27.21
C THR A 521 32.99 -26.42 -26.10
N GLU A 522 32.46 -26.08 -24.94
CA GLU A 522 32.45 -27.00 -23.80
C GLU A 522 31.60 -28.23 -24.08
N THR A 523 32.27 -29.35 -24.37
CA THR A 523 31.59 -30.64 -24.50
C THR A 523 32.42 -31.77 -23.90
N VAL A 524 33.45 -31.44 -23.13
CA VAL A 524 34.41 -32.43 -22.64
C VAL A 524 33.79 -33.17 -21.45
N LYS A 525 33.82 -34.50 -21.51
CA LYS A 525 33.38 -35.38 -20.43
C LYS A 525 31.90 -35.23 -20.13
N ARG A 526 31.19 -34.37 -20.86
CA ARG A 526 29.77 -34.14 -20.67
C ARG A 526 29.47 -33.76 -19.23
N LYS A 527 30.04 -32.62 -18.81
CA LYS A 527 30.08 -32.24 -17.40
C LYS A 527 28.70 -32.08 -16.79
N ASP A 528 27.94 -31.08 -17.24
CA ASP A 528 26.65 -30.76 -16.62
C ASP A 528 25.91 -29.68 -17.41
N TYR A 529 24.73 -29.31 -16.94
CA TYR A 529 23.83 -28.27 -17.43
C TYR A 529 23.12 -28.69 -18.71
N GLY A 530 23.48 -29.83 -19.32
CA GLY A 530 22.73 -30.35 -20.44
C GLY A 530 21.87 -31.53 -20.04
N TRP A 531 22.45 -32.45 -19.25
CA TRP A 531 21.70 -33.60 -18.77
C TRP A 531 20.67 -33.18 -17.72
N VAL A 532 21.04 -32.24 -16.85
CA VAL A 532 20.09 -31.71 -15.88
C VAL A 532 18.95 -30.97 -16.59
N LYS A 533 19.29 -30.19 -17.62
CA LYS A 533 18.26 -29.48 -18.38
C LYS A 533 17.31 -30.46 -19.06
N LEU A 534 17.84 -31.51 -19.67
CA LEU A 534 17.02 -32.52 -20.34
C LEU A 534 16.53 -33.61 -19.40
N LEU A 535 16.95 -33.60 -18.14
CA LEU A 535 16.16 -34.27 -17.12
C LEU A 535 14.81 -33.55 -17.01
N ARG A 536 13.82 -34.25 -16.45
CA ARG A 536 12.43 -33.82 -16.49
C ARG A 536 12.31 -32.35 -16.05
N PRO A 537 12.03 -31.44 -16.97
CA PRO A 537 12.05 -30.01 -16.64
C PRO A 537 10.67 -29.48 -16.29
N ARG A 538 10.66 -28.19 -15.89
CA ARG A 538 9.41 -27.48 -15.74
C ARG A 538 8.71 -27.35 -17.09
N LEU A 539 9.49 -27.12 -18.16
CA LEU A 539 9.03 -27.11 -19.55
C LEU A 539 8.20 -25.87 -19.86
N SER A 540 7.86 -25.10 -18.83
CA SER A 540 7.17 -23.81 -18.98
C SER A 540 5.94 -23.91 -19.89
N GLN A 541 5.20 -25.00 -19.77
CA GLN A 541 4.07 -25.24 -20.65
C GLN A 541 2.76 -24.98 -19.93
N GLU A 542 1.96 -24.07 -20.48
CA GLU A 542 0.66 -23.70 -19.92
C GLU A 542 0.78 -23.30 -18.45
N THR A 543 1.83 -22.53 -18.14
CA THR A 543 2.06 -22.11 -16.78
C THR A 543 1.01 -21.09 -16.33
N ARG A 544 0.73 -20.10 -17.17
CA ARG A 544 -0.18 -19.03 -16.77
C ARG A 544 -1.55 -19.56 -16.37
N LYS A 545 -2.29 -20.14 -17.32
CA LYS A 545 -3.68 -20.52 -17.07
C LYS A 545 -3.81 -21.49 -15.90
N ALA A 546 -2.90 -22.47 -15.81
CA ALA A 546 -3.02 -23.54 -14.84
C ALA A 546 -2.41 -23.20 -13.48
N VAL A 547 -1.58 -22.17 -13.37
CA VAL A 547 -0.96 -21.85 -12.10
C VAL A 547 -1.28 -20.42 -11.69
N ASN A 548 -0.84 -19.46 -12.50
CA ASN A 548 -0.89 -18.07 -12.09
C ASN A 548 -2.32 -17.57 -11.97
N ASP A 549 -3.16 -17.84 -12.97
CA ASP A 549 -4.52 -17.36 -12.95
C ASP A 549 -5.29 -17.91 -11.75
N LYS A 550 -5.24 -19.23 -11.56
CA LYS A 550 -5.96 -19.87 -10.46
C LYS A 550 -5.46 -19.40 -9.10
N THR A 551 -4.14 -19.46 -8.88
CA THR A 551 -3.60 -19.08 -7.58
C THR A 551 -3.86 -17.60 -7.29
N TRP A 552 -3.66 -16.72 -8.28
CA TRP A 552 -3.86 -15.30 -8.05
C TRP A 552 -5.33 -14.96 -7.85
N GLU A 553 -6.23 -15.70 -8.51
CA GLU A 553 -7.66 -15.51 -8.27
C GLU A 553 -8.02 -15.90 -6.85
N LEU A 554 -7.47 -17.02 -6.36
CA LEU A 554 -7.77 -17.42 -4.99
C LEU A 554 -7.02 -16.56 -3.96
N LYS A 555 -6.00 -15.82 -4.38
CA LYS A 555 -5.24 -14.99 -3.44
C LYS A 555 -6.12 -13.90 -2.84
N ARG A 556 -6.94 -13.26 -3.65
CA ARG A 556 -7.80 -12.17 -3.19
C ARG A 556 -9.15 -12.64 -2.69
N ALA A 557 -9.37 -13.95 -2.62
CA ALA A 557 -10.62 -14.50 -2.12
C ALA A 557 -10.57 -14.85 -0.63
N SER A 558 -9.48 -15.45 -0.17
CA SER A 558 -9.35 -15.81 1.23
C SER A 558 -9.20 -14.55 2.09
N THR A 559 -9.82 -14.58 3.27
CA THR A 559 -9.75 -13.45 4.19
C THR A 559 -8.42 -13.37 4.93
N GLU A 560 -7.66 -14.47 4.95
CA GLU A 560 -6.38 -14.47 5.64
C GLU A 560 -5.30 -13.74 4.84
N TYR A 561 -5.33 -13.88 3.51
CA TYR A 561 -4.30 -13.28 2.67
C TYR A 561 -4.42 -11.76 2.60
N VAL A 562 -5.63 -11.22 2.75
CA VAL A 562 -5.80 -9.77 2.78
C VAL A 562 -5.44 -9.17 4.12
N ARG A 563 -5.30 -9.99 5.16
CA ARG A 563 -4.87 -9.52 6.47
C ARG A 563 -3.37 -9.69 6.65
N LEU A 564 -2.79 -10.74 6.08
CA LEU A 564 -1.36 -10.98 6.25
C LEU A 564 -0.52 -9.91 5.58
N SER A 565 -0.96 -9.37 4.45
CA SER A 565 -0.21 -8.31 3.80
C SER A 565 -0.19 -7.04 4.66
N ARG A 566 -1.34 -6.68 5.22
CA ARG A 566 -1.39 -5.53 6.12
C ARG A 566 -0.53 -5.77 7.36
N ARG A 567 -0.54 -7.00 7.88
CA ARG A 567 0.30 -7.33 9.02
C ARG A 567 1.78 -7.21 8.67
N LYS A 568 2.16 -7.64 7.46
CA LYS A 568 3.53 -7.51 7.00
C LYS A 568 3.94 -6.05 6.94
N THR A 569 3.08 -5.21 6.37
CA THR A 569 3.38 -3.79 6.30
C THR A 569 3.52 -3.18 7.69
N GLU A 570 2.62 -3.56 8.61
CA GLU A 570 2.69 -3.05 9.97
C GLU A 570 4.00 -3.46 10.65
N LEU A 571 4.41 -4.70 10.48
CA LEU A 571 5.64 -5.17 11.11
C LEU A 571 6.86 -4.46 10.53
N ALA A 572 6.89 -4.28 9.20
CA ALA A 572 7.98 -3.54 8.59
C ALA A 572 8.05 -2.11 9.12
N ARG A 573 6.89 -1.46 9.23
CA ARG A 573 6.87 -0.10 9.76
C ARG A 573 7.29 -0.07 11.22
N ARG A 574 6.99 -1.13 11.98
CA ARG A 574 7.45 -1.21 13.37
C ARG A 574 8.97 -1.29 13.42
N CYS A 575 9.57 -2.10 12.57
CA CYS A 575 11.03 -2.17 12.50
C CYS A 575 11.62 -0.81 12.15
N VAL A 576 11.03 -0.15 11.16
CA VAL A 576 11.54 1.16 10.73
C VAL A 576 11.44 2.17 11.85
N ASN A 577 10.30 2.20 12.55
CA ASN A 577 10.09 3.16 13.62
C ASN A 577 11.06 2.91 14.77
N TYR A 578 11.30 1.64 15.10
CA TYR A 578 12.29 1.35 16.14
C TYR A 578 13.67 1.82 15.73
N ILE A 579 14.06 1.59 14.47
CA ILE A 579 15.38 2.03 14.03
C ILE A 579 15.49 3.55 14.09
N VAL A 580 14.42 4.25 13.69
CA VAL A 580 14.44 5.71 13.75
C VAL A 580 14.55 6.21 15.19
N ARG A 581 13.79 5.61 16.10
CA ARG A 581 13.85 6.02 17.50
C ARG A 581 15.24 5.76 18.10
N GLU A 582 15.80 4.60 17.79
CA GLU A 582 17.13 4.29 18.27
C GLU A 582 18.14 5.29 17.71
N THR A 583 18.03 5.57 16.41
CA THR A 583 18.92 6.54 15.81
C THR A 583 18.84 7.85 16.57
N LYS A 584 17.63 8.33 16.82
CA LYS A 584 17.46 9.56 17.56
C LYS A 584 18.14 9.48 18.92
N ARG A 585 18.06 8.33 19.56
CA ARG A 585 18.64 8.19 20.91
C ARG A 585 20.15 8.08 20.93
N TRP A 586 20.71 7.18 20.13
CA TRP A 586 22.16 6.96 20.16
C TRP A 586 22.93 8.15 19.63
N THR A 587 22.51 8.72 18.51
CA THR A 587 23.23 9.85 17.91
C THR A 587 22.96 11.17 18.64
N GLN A 588 21.98 11.17 19.53
CA GLN A 588 21.63 12.37 20.28
C GLN A 588 21.35 13.54 19.35
N CYS A 589 20.55 13.29 18.32
CA CYS A 589 20.20 14.29 17.33
C CYS A 589 18.71 14.21 17.04
N GLU A 590 18.14 15.31 16.59
CA GLU A 590 16.74 15.38 16.20
C GLU A 590 16.56 15.58 14.70
N ASP A 591 17.66 15.63 13.94
CA ASP A 591 17.63 15.77 12.48
C ASP A 591 18.50 14.63 11.94
N ILE A 592 17.88 13.49 11.66
CA ILE A 592 18.60 12.28 11.28
C ILE A 592 18.40 12.02 9.79
N ALA A 593 19.18 11.08 9.28
CA ALA A 593 19.12 10.68 7.88
C ALA A 593 19.29 9.16 7.78
N ILE A 594 18.87 8.61 6.65
CA ILE A 594 18.87 7.17 6.43
C ILE A 594 19.55 6.88 5.10
N VAL A 595 20.48 5.93 5.10
CA VAL A 595 21.12 5.45 3.89
C VAL A 595 20.87 3.96 3.77
N ILE A 596 20.34 3.53 2.63
CA ILE A 596 20.05 2.13 2.36
C ILE A 596 20.60 1.78 0.98
N GLU A 597 21.31 0.66 0.89
CA GLU A 597 22.00 0.25 -0.33
C GLU A 597 21.33 -0.99 -0.91
N ASP A 598 20.66 -0.81 -2.04
CA ASP A 598 20.00 -1.91 -2.74
C ASP A 598 19.77 -1.56 -4.21
N TRP A 626 10.62 -13.68 2.56
CA TRP A 626 11.69 -12.70 2.77
C TRP A 626 11.13 -11.34 3.15
N PHE A 627 11.79 -10.70 4.11
CA PHE A 627 11.41 -9.37 4.56
C PHE A 627 12.15 -8.26 3.82
N ILE A 628 13.00 -8.61 2.85
CA ILE A 628 13.87 -7.63 2.22
C ILE A 628 13.05 -6.57 1.48
N GLN A 629 12.12 -7.01 0.63
CA GLN A 629 11.37 -6.07 -0.20
C GLN A 629 10.50 -5.16 0.66
N VAL A 630 9.80 -5.74 1.64
CA VAL A 630 8.88 -4.94 2.45
C VAL A 630 9.67 -3.99 3.36
N LEU A 631 10.81 -4.44 3.91
CA LEU A 631 11.62 -3.55 4.73
C LEU A 631 12.19 -2.42 3.90
N HIS A 632 12.62 -2.71 2.66
CA HIS A 632 13.12 -1.66 1.79
C HIS A 632 12.04 -0.64 1.47
N LYS A 633 10.83 -1.12 1.16
CA LYS A 633 9.73 -0.19 0.86
C LYS A 633 9.37 0.64 2.09
N ALA A 634 9.35 0.01 3.27
CA ALA A 634 8.99 0.73 4.49
C ALA A 634 10.02 1.79 4.83
N PHE A 635 11.31 1.49 4.65
CA PHE A 635 12.33 2.51 4.90
C PHE A 635 12.30 3.59 3.82
N SER A 636 11.91 3.23 2.60
CA SER A 636 11.83 4.19 1.51
C SER A 636 10.54 5.00 1.53
N ASP A 637 9.57 4.62 2.35
CA ASP A 637 8.33 5.38 2.46
C ASP A 637 8.42 6.53 3.45
N LEU A 638 9.51 6.63 4.21
CA LEU A 638 9.66 7.76 5.12
C LEU A 638 9.91 9.06 4.40
N ALA A 639 10.47 9.01 3.19
CA ALA A 639 10.67 10.24 2.43
C ALA A 639 9.33 10.89 2.08
N LEU A 640 8.35 10.09 1.71
CA LEU A 640 7.03 10.60 1.33
C LEU A 640 6.14 10.83 2.54
N HIS A 641 5.99 9.81 3.39
CA HIS A 641 5.06 9.91 4.51
C HIS A 641 5.55 10.89 5.57
N ARG A 642 6.83 10.81 5.94
CA ARG A 642 7.33 11.56 7.08
C ARG A 642 8.45 12.53 6.73
N GLY A 643 8.88 12.59 5.47
CA GLY A 643 9.84 13.59 5.06
C GLY A 643 11.26 13.36 5.50
N LEU A 644 11.56 12.20 6.06
CA LEU A 644 12.94 11.90 6.46
C LEU A 644 13.77 11.60 5.23
N PRO A 645 14.93 12.24 5.06
CA PRO A 645 15.77 11.96 3.88
C PRO A 645 16.24 10.52 3.87
N VAL A 646 16.26 9.94 2.66
CA VAL A 646 16.71 8.57 2.46
C VAL A 646 17.67 8.55 1.28
N ILE A 647 18.83 7.94 1.48
CA ILE A 647 19.84 7.79 0.44
C ILE A 647 19.78 6.36 -0.09
N GLU A 648 19.81 6.22 -1.40
CA GLU A 648 19.91 4.91 -2.04
C GLU A 648 21.33 4.70 -2.52
N ALA A 649 21.95 3.62 -2.06
CA ALA A 649 23.34 3.32 -2.42
C ALA A 649 23.47 1.97 -3.11
#